data_8EO4
#
_entry.id   8EO4
#
_cell.length_a   42.905
_cell.length_b   60.675
_cell.length_c   44.538
_cell.angle_alpha   90.000
_cell.angle_beta   116.814
_cell.angle_gamma   90.000
#
_symmetry.space_group_name_H-M   'P 1 21 1'
#
loop_
_entity.id
_entity.type
_entity.pdbx_description
1 polymer "DNA (5'-D(*AP*AP*TP*AP*AP*GP*CP*GP*GP*AP*AP*GP*TP*GP*GP*G)-3')"
2 polymer "DNA (5'-D(*TP*CP*CP*CP*AP*CP*TP*TP*CP*CP*GP*CP*TP*TP*AP*T)-3')"
3 polymer 'Transcription factor PU.1'
4 non-polymer 'SODIUM ION'
5 water water
#
loop_
_entity_poly.entity_id
_entity_poly.type
_entity_poly.pdbx_seq_one_letter_code
_entity_poly.pdbx_strand_id
1 'polydeoxyribonucleotide' (DA)(DA)(DT)(DA)(DA)(DG)(5CM)(DG)(DG)(DA)(DA)(DG)(DT)(DG)(DG)(DG) C
2 'polydeoxyribonucleotide' (DT)(DC)(DC)(DC)(DA)(DC)(DT)(DT)(DC)(5CM)(DG)(DC)(DT)(DT)(DA)(DT) D
3 'polypeptide(L)'
;GSKKKIRLYQFLLDLLRSGDMKDSIWWVDKDKGTFQFSSKHKEALAHRWGIQKGNRKKMTYQKMARALRNYGKTGEVKKV
KKKLTYQFSGEVLGRGGLAERRHPPH
;
F
#
loop_
_chem_comp.id
_chem_comp.type
_chem_comp.name
_chem_comp.formula
5CM DNA linking 5-METHYL-2'-DEOXY-CYTIDINE-5'-MONOPHOSPHATE 'C10 H16 N3 O7 P'
DA DNA linking 2'-DEOXYADENOSINE-5'-MONOPHOSPHATE 'C10 H14 N5 O6 P'
DC DNA linking 2'-DEOXYCYTIDINE-5'-MONOPHOSPHATE 'C9 H14 N3 O7 P'
DG DNA linking 2'-DEOXYGUANOSINE-5'-MONOPHOSPHATE 'C10 H14 N5 O7 P'
DT DNA linking THYMIDINE-5'-MONOPHOSPHATE 'C10 H15 N2 O8 P'
NA non-polymer 'SODIUM ION' 'Na 1'
#
# COMPACT_ATOMS: atom_id res chain seq x y z
N1 5CM A 7 -5.91 2.25 17.00
C2 5CM A 7 -7.07 1.76 17.60
N3 5CM A 7 -8.16 1.57 16.83
C4 5CM A 7 -8.13 1.83 15.52
C5 5CM A 7 -6.95 2.32 14.89
C5A 5CM A 7 -6.91 2.57 13.42
C6 5CM A 7 -5.89 2.50 15.67
O2 5CM A 7 -7.07 1.54 18.82
N4 5CM A 7 -9.25 1.65 14.85
C1' 5CM A 7 -4.72 2.51 17.83
C2' 5CM A 7 -3.42 1.88 17.40
C3' 5CM A 7 -2.39 2.79 18.05
C4' 5CM A 7 -3.12 4.12 18.21
O4' 5CM A 7 -4.47 3.91 17.74
O3' 5CM A 7 -1.98 2.39 19.36
C5' 5CM A 7 -2.49 5.26 17.46
O5' 5CM A 7 -2.22 4.78 16.12
P 5CM A 7 -1.43 5.79 15.12
OP1 5CM A 7 -0.32 6.51 15.84
OP2 5CM A 7 -1.06 4.91 13.99
H5A1 5CM A 7 -6.16 3.17 13.22
H5A2 5CM A 7 -7.73 2.96 13.12
H5A3 5CM A 7 -6.76 1.73 12.95
H6 5CM A 7 -5.08 2.82 15.28
HN41 5CM A 7 -9.97 1.37 15.26
HN42 5CM A 7 -9.27 1.80 13.99
H1' 5CM A 7 -4.93 2.21 18.75
H2' 5CM A 7 -3.34 0.96 17.71
H2'' 5CM A 7 -3.32 1.90 16.42
H3' 5CM A 7 -1.61 2.79 17.47
H4' 5CM A 7 -3.17 4.34 19.17
H5' 5CM A 7 -1.66 5.55 17.90
H5'' 5CM A 7 -3.10 6.03 17.43
N1 5CM B 10 -14.53 -3.37 16.76
C2 5CM B 10 -13.19 -3.09 16.99
N3 5CM B 10 -12.46 -2.55 15.98
C4 5CM B 10 -13.02 -2.31 14.79
C5 5CM B 10 -14.39 -2.58 14.54
C5A 5CM B 10 -15.00 -2.31 13.20
C6 5CM B 10 -15.09 -3.13 15.55
O2 5CM B 10 -12.69 -3.29 18.10
N4 5CM B 10 -12.24 -1.80 13.83
C1' 5CM B 10 -15.32 -4.01 17.85
C2' 5CM B 10 -16.41 -3.16 18.48
C3' 5CM B 10 -17.56 -4.14 18.67
C4' 5CM B 10 -17.00 -5.48 18.22
O4' 5CM B 10 -15.98 -5.12 17.26
O3' 5CM B 10 -18.02 -4.30 20.01
C5' 5CM B 10 -17.98 -6.44 17.59
O5' 5CM B 10 -18.66 -5.74 16.53
P 5CM B 10 -19.42 -6.81 15.53
OP1 5CM B 10 -20.45 -7.60 16.27
OP2 5CM B 10 -20.03 -5.84 14.59
H5A1 5CM B 10 -14.68 -1.46 12.87
H5A2 5CM B 10 -14.76 -3.02 12.58
H5A3 5CM B 10 -15.97 -2.27 13.29
H6 5CM B 10 -16.01 -3.35 15.41
HN41 5CM B 10 -11.39 -1.63 14.00
HN42 5CM B 10 -12.57 -1.62 13.04
H1' 5CM B 10 -14.69 -4.30 18.55
H2' 5CM B 10 -16.67 -2.42 17.88
H2'' 5CM B 10 -16.12 -2.79 19.33
H3' 5CM B 10 -18.32 -3.79 18.16
H4' 5CM B 10 -16.59 -5.94 18.99
H5' 5CM B 10 -17.51 -7.22 17.23
H5'' 5CM B 10 -18.63 -6.74 18.26
N LYS C 5 -1.21 -16.23 -3.70
CA LYS C 5 -1.79 -14.88 -3.73
C LYS C 5 -0.75 -13.84 -3.35
N ILE C 6 -0.77 -12.73 -4.08
CA ILE C 6 0.17 -11.64 -3.84
C ILE C 6 -0.04 -11.05 -2.45
N ARG C 7 1.05 -10.62 -1.83
CA ARG C 7 0.97 -9.99 -0.53
C ARG C 7 0.62 -8.50 -0.67
N LEU C 8 -0.02 -7.96 0.36
CA LEU C 8 -0.48 -6.57 0.31
C LEU C 8 0.64 -5.61 -0.01
N TYR C 9 1.82 -5.76 0.61
CA TYR C 9 2.88 -4.79 0.33
C TYR C 9 3.31 -4.85 -1.12
N GLN C 10 3.25 -6.04 -1.73
CA GLN C 10 3.64 -6.19 -3.13
C GLN C 10 2.58 -5.59 -4.05
N PHE C 11 1.29 -5.79 -3.71
CA PHE C 11 0.21 -5.15 -4.46
C PHE C 11 0.42 -3.64 -4.52
N LEU C 12 0.77 -3.03 -3.39
CA LEU C 12 0.96 -1.59 -3.34
C LEU C 12 2.20 -1.16 -4.12
N LEU C 13 3.32 -1.89 -3.95
CA LEU C 13 4.51 -1.56 -4.70
C LEU C 13 4.27 -1.67 -6.20
N ASP C 14 3.55 -2.70 -6.63
CA ASP C 14 3.26 -2.86 -8.05
C ASP C 14 2.37 -1.73 -8.57
N LEU C 15 1.38 -1.29 -7.78
CA LEU C 15 0.56 -0.14 -8.19
C LEU C 15 1.40 1.11 -8.36
N LEU C 16 2.32 1.36 -7.43
CA LEU C 16 3.18 2.54 -7.54
C LEU C 16 4.05 2.46 -8.79
N ARG C 17 4.50 1.25 -9.14
CA ARG C 17 5.31 1.08 -10.35
C ARG C 17 4.49 1.33 -11.62
N SER C 18 3.25 0.83 -11.68
CA SER C 18 2.46 0.94 -12.90
C SER C 18 1.83 2.31 -13.07
N GLY C 19 1.59 3.03 -11.98
CA GLY C 19 0.84 4.27 -12.01
C GLY C 19 -0.63 4.14 -12.34
N ASP C 20 -1.20 2.94 -12.28
CA ASP C 20 -2.57 2.74 -12.76
C ASP C 20 -3.62 3.42 -11.88
N MET C 21 -3.30 3.71 -10.62
CA MET C 21 -4.19 4.40 -9.69
C MET C 21 -3.49 5.60 -9.08
N LYS C 22 -2.87 6.42 -9.94
CA LYS C 22 -2.05 7.52 -9.46
C LYS C 22 -2.86 8.59 -8.71
N ASP C 23 -4.18 8.62 -8.87
CA ASP C 23 -4.98 9.53 -8.06
C ASP C 23 -5.33 8.96 -6.70
N SER C 24 -5.01 7.70 -6.44
CA SER C 24 -5.27 7.08 -5.14
C SER C 24 -4.03 6.88 -4.29
N ILE C 25 -2.85 6.78 -4.90
CA ILE C 25 -1.61 6.48 -4.18
C ILE C 25 -0.46 7.07 -4.97
N TRP C 26 0.56 7.56 -4.26
CA TRP C 26 1.71 8.17 -4.93
C TRP C 26 2.93 8.10 -4.04
N TRP C 27 4.10 8.15 -4.68
CA TRP C 27 5.33 8.30 -3.93
C TRP C 27 5.40 9.71 -3.35
N VAL C 28 5.95 9.81 -2.15
CA VAL C 28 6.37 11.08 -1.57
C VAL C 28 7.87 11.26 -1.82
N ASP C 29 8.67 10.30 -1.37
CA ASP C 29 10.11 10.28 -1.68
C ASP C 29 10.43 8.85 -2.10
N LYS C 30 10.48 8.61 -3.40
CA LYS C 30 10.62 7.24 -3.85
C LYS C 30 11.95 6.63 -3.44
N ASP C 31 13.01 7.43 -3.37
CA ASP C 31 14.31 6.90 -2.96
C ASP C 31 14.28 6.38 -1.52
N LYS C 32 13.48 6.99 -0.66
CA LYS C 32 13.31 6.53 0.71
C LYS C 32 12.18 5.52 0.84
N GLY C 33 11.39 5.33 -0.20
CA GLY C 33 10.28 4.41 -0.14
C GLY C 33 9.04 4.95 0.55
N THR C 34 8.91 6.27 0.72
CA THR C 34 7.72 6.82 1.36
C THR C 34 6.63 7.06 0.33
N PHE C 35 5.40 6.72 0.70
CA PHE C 35 4.24 6.82 -0.17
C PHE C 35 3.03 7.21 0.64
N GLN C 36 2.01 7.72 -0.06
CA GLN C 36 0.85 8.29 0.59
C GLN C 36 -0.39 7.97 -0.22
N PHE C 37 -1.49 7.76 0.51
CA PHE C 37 -2.79 7.56 -0.08
C PHE C 37 -3.60 8.84 -0.13
N SER C 38 -4.52 8.90 -1.09
CA SER C 38 -5.46 9.99 -1.22
C SER C 38 -6.60 9.87 -0.22
N SER C 39 -6.89 10.96 0.50
CA SER C 39 -8.03 10.92 1.41
C SER C 39 -9.32 10.57 0.67
N LYS C 40 -9.56 11.23 -0.46
CA LYS C 40 -10.81 11.07 -1.18
C LYS C 40 -10.87 9.86 -2.10
N HIS C 41 -9.73 9.31 -2.53
CA HIS C 41 -9.72 8.26 -3.55
C HIS C 41 -9.11 6.94 -3.08
N LYS C 42 -8.81 6.82 -1.79
CA LYS C 42 -8.20 5.58 -1.31
C LYS C 42 -9.18 4.42 -1.31
N GLU C 43 -10.47 4.68 -1.17
CA GLU C 43 -11.40 3.56 -1.09
CA GLU C 43 -11.41 3.57 -1.08
C GLU C 43 -11.42 2.76 -2.38
N ALA C 44 -11.29 3.43 -3.53
CA ALA C 44 -11.28 2.69 -4.81
C ALA C 44 -10.11 1.72 -4.84
N LEU C 45 -8.98 2.13 -4.28
CA LEU C 45 -7.80 1.27 -4.25
C LEU C 45 -8.02 0.10 -3.29
N ALA C 46 -8.62 0.37 -2.14
CA ALA C 46 -8.97 -0.71 -1.20
C ALA C 46 -9.92 -1.70 -1.85
N HIS C 47 -10.91 -1.21 -2.60
CA HIS C 47 -11.84 -2.13 -3.26
C HIS C 47 -11.09 -3.06 -4.20
N ARG C 48 -10.10 -2.52 -4.92
CA ARG C 48 -9.33 -3.33 -5.85
CA ARG C 48 -9.33 -3.33 -5.85
C ARG C 48 -8.55 -4.41 -5.14
N TRP C 49 -7.97 -4.09 -3.98
CA TRP C 49 -7.27 -5.10 -3.19
C TRP C 49 -8.19 -6.25 -2.82
N GLY C 50 -9.39 -5.95 -2.32
CA GLY C 50 -10.30 -7.02 -1.92
C GLY C 50 -10.72 -7.89 -3.09
N ILE C 51 -10.95 -7.27 -4.25
CA ILE C 51 -11.32 -8.03 -5.42
C ILE C 51 -10.16 -8.89 -5.90
N GLN C 52 -8.93 -8.36 -5.87
CA GLN C 52 -7.79 -9.18 -6.24
C GLN C 52 -7.65 -10.41 -5.34
N LYS C 53 -7.94 -10.23 -4.05
CA LYS C 53 -7.86 -11.33 -3.09
C LYS C 53 -9.05 -12.27 -3.13
N GLY C 54 -10.18 -11.86 -3.70
CA GLY C 54 -11.37 -12.68 -3.67
C GLY C 54 -11.97 -12.82 -2.29
N ASN C 55 -11.81 -11.83 -1.42
CA ASN C 55 -12.35 -11.92 -0.08
C ASN C 55 -13.88 -11.94 -0.10
N ARG C 56 -14.46 -12.44 0.98
CA ARG C 56 -15.90 -12.54 1.08
C ARG C 56 -16.57 -11.18 1.09
N LYS C 57 -16.07 -10.26 1.91
CA LYS C 57 -16.68 -8.95 2.04
C LYS C 57 -15.96 -7.92 1.16
N LYS C 58 -16.63 -6.80 0.93
CA LYS C 58 -16.01 -5.64 0.29
C LYS C 58 -14.89 -5.12 1.17
N MET C 59 -13.73 -4.88 0.58
CA MET C 59 -12.60 -4.36 1.33
C MET C 59 -12.79 -2.85 1.52
N THR C 60 -12.35 -2.35 2.65
CA THR C 60 -12.36 -0.93 2.96
C THR C 60 -10.93 -0.48 3.26
N TYR C 61 -10.70 0.83 3.16
CA TYR C 61 -9.39 1.35 3.52
C TYR C 61 -9.06 1.03 4.97
N GLN C 62 -10.05 1.10 5.86
CA GLN C 62 -9.79 0.81 7.25
CA GLN C 62 -9.79 0.82 7.25
C GLN C 62 -9.25 -0.60 7.44
N LYS C 63 -9.87 -1.59 6.80
CA LYS C 63 -9.40 -2.96 6.93
C LYS C 63 -8.03 -3.13 6.29
N MET C 64 -7.80 -2.47 5.14
CA MET C 64 -6.51 -2.55 4.49
C MET C 64 -5.41 -1.96 5.38
N ALA C 65 -5.69 -0.82 6.00
CA ALA C 65 -4.74 -0.18 6.90
C ALA C 65 -4.52 -1.02 8.15
N ARG C 66 -5.54 -1.76 8.60
CA ARG C 66 -5.34 -2.66 9.72
C ARG C 66 -4.34 -3.75 9.37
N ALA C 67 -4.42 -4.27 8.14
CA ALA C 67 -3.43 -5.22 7.68
C ALA C 67 -2.05 -4.57 7.59
N LEU C 68 -1.98 -3.35 7.07
CA LEU C 68 -0.68 -2.65 6.98
C LEU C 68 -0.02 -2.53 8.33
N ARG C 69 -0.83 -2.25 9.36
CA ARG C 69 -0.28 -2.09 10.70
C ARG C 69 0.53 -3.31 11.14
N ASN C 70 0.15 -4.51 10.71
CA ASN C 70 0.86 -5.71 11.12
C ASN C 70 2.25 -5.81 10.53
N TYR C 71 2.56 -5.07 9.47
CA TYR C 71 3.91 -5.05 8.95
C TYR C 71 4.88 -4.22 9.78
N GLY C 72 4.39 -3.42 10.72
CA GLY C 72 5.27 -2.51 11.45
C GLY C 72 6.35 -3.27 12.22
N LYS C 73 5.98 -4.41 12.82
CA LYS C 73 6.89 -5.18 13.66
C LYS C 73 7.93 -5.90 12.83
N THR C 74 7.53 -6.50 11.71
CA THR C 74 8.46 -7.23 10.87
C THR C 74 9.22 -6.32 9.92
N GLY C 75 8.67 -5.14 9.59
CA GLY C 75 9.41 -4.06 8.99
C GLY C 75 9.13 -3.77 7.53
N GLU C 76 8.27 -4.56 6.85
CA GLU C 76 8.09 -4.37 5.42
C GLU C 76 7.53 -3.00 5.10
N VAL C 77 6.63 -2.51 5.94
CA VAL C 77 5.96 -1.23 5.79
C VAL C 77 5.81 -0.64 7.18
N LYS C 78 6.22 0.62 7.35
CA LYS C 78 6.03 1.33 8.60
C LYS C 78 5.22 2.59 8.37
N LYS C 79 4.40 2.94 9.35
CA LYS C 79 3.61 4.16 9.28
CA LYS C 79 3.61 4.16 9.28
C LYS C 79 4.50 5.35 9.63
N VAL C 80 4.44 6.39 8.81
CA VAL C 80 5.17 7.62 8.99
C VAL C 80 4.23 8.64 9.63
N LYS C 81 4.83 9.64 10.26
CA LYS C 81 4.09 10.59 11.08
C LYS C 81 3.43 11.67 10.23
N LYS C 82 2.67 11.25 9.22
CA LYS C 82 1.88 12.14 8.39
C LYS C 82 0.65 11.35 7.95
N LYS C 83 -0.49 12.01 7.81
CA LYS C 83 -1.71 11.26 7.55
C LYS C 83 -1.54 10.41 6.30
N LEU C 84 -2.00 9.17 6.39
CA LEU C 84 -2.12 8.30 5.24
C LEU C 84 -0.77 8.00 4.57
N THR C 85 0.33 8.09 5.33
CA THR C 85 1.67 7.99 4.77
C THR C 85 2.45 6.85 5.41
N TYR C 86 3.14 6.08 4.57
CA TYR C 86 3.84 4.85 4.95
C TYR C 86 5.20 4.82 4.27
N GLN C 87 6.02 3.84 4.68
CA GLN C 87 7.38 3.70 4.13
C GLN C 87 7.74 2.23 3.98
N PHE C 88 8.10 1.81 2.76
CA PHE C 88 8.58 0.46 2.54
C PHE C 88 10.01 0.34 3.07
N SER C 89 10.38 -0.88 3.47
CA SER C 89 11.75 -1.16 3.88
C SER C 89 12.66 -1.21 2.66
N GLY C 90 13.95 -1.04 2.91
CA GLY C 90 14.93 -1.18 1.84
C GLY C 90 14.91 -2.56 1.22
N GLU C 91 14.63 -3.58 2.03
CA GLU C 91 14.55 -4.94 1.52
C GLU C 91 13.42 -5.07 0.50
N VAL C 92 12.23 -4.56 0.85
CA VAL C 92 11.10 -4.60 -0.07
C VAL C 92 11.41 -3.85 -1.36
N LEU C 93 12.02 -2.66 -1.25
CA LEU C 93 12.30 -1.85 -2.43
C LEU C 93 13.33 -2.51 -3.33
N GLY C 94 14.39 -3.06 -2.74
CA GLY C 94 15.46 -3.60 -3.55
C GLY C 94 15.04 -4.89 -4.23
N ARG C 95 14.45 -5.79 -3.46
CA ARG C 95 14.00 -7.05 -4.04
C ARG C 95 12.93 -6.80 -5.10
N GLY C 96 12.05 -5.85 -4.86
CA GLY C 96 11.03 -5.47 -5.81
C GLY C 96 11.59 -5.07 -7.16
N GLY C 97 12.46 -4.07 -7.18
CA GLY C 97 13.08 -3.65 -8.44
C GLY C 97 13.89 -4.74 -9.10
N LEU C 98 14.52 -5.62 -8.30
CA LEU C 98 15.28 -6.73 -8.86
C LEU C 98 14.34 -7.76 -9.46
N ALA C 99 13.27 -8.10 -8.76
CA ALA C 99 12.27 -9.04 -9.27
C ALA C 99 11.62 -8.48 -10.54
NA NA D . -6.06 16.35 10.82
#